data_8DKR
#
_entry.id   8DKR
#
_cell.length_a   59.601
_cell.length_b   62.628
_cell.length_c   149.253
_cell.angle_alpha   90.000
_cell.angle_beta   90.000
_cell.angle_gamma   90.000
#
_symmetry.space_group_name_H-M   'P 21 21 21'
#
loop_
_entity.id
_entity.type
_entity.pdbx_description
1 polymer 'Large terminase protein'
2 non-polymer 'MAGNESIUM ION'
3 water water
#
_entity_poly.entity_id   1
_entity_poly.type   'polypeptide(L)'
_entity_poly.pdbx_seq_one_letter_code
;GIPKTGGDKSVINLKFILAAIDAHKKLGWEPAGSKRIGFDVADDGEDANATTLMHGNVIMEVDEWDGLEDELLKSSSRVY
NLAKIKGASVTYDSIGVGAHVGSKFAELNDASPDFKLIYDPFNAGGAVDKPDDVYMKLPHTTIKNKDHFSNIKAQKWEEV
ATRFRKTYEAVEHGKVYPFDELISINSETIHPDKLNQLCIELSSPRKDLDMNGRFKVESKKDMREKRKIKSPNIADSVIM
SAILPIRKPKGFFDF
;
_entity_poly.pdbx_strand_id   B,A
#
# COMPACT_ATOMS: atom_id res chain seq x y z
N GLY A 1 16.17 11.94 4.98
CA GLY A 1 17.28 12.73 5.47
C GLY A 1 16.86 13.78 6.48
N ILE A 2 17.45 14.97 6.36
CA ILE A 2 17.16 16.07 7.28
C ILE A 2 15.74 16.56 7.04
N PRO A 3 15.12 17.21 8.01
CA PRO A 3 13.79 17.78 7.79
C PRO A 3 13.83 18.88 6.74
N LYS A 4 12.82 18.90 5.88
CA LYS A 4 12.74 19.84 4.78
C LYS A 4 11.30 20.27 4.56
N THR A 5 11.11 21.36 3.82
CA THR A 5 9.80 21.86 3.46
C THR A 5 9.53 21.63 1.99
N GLY A 6 8.26 21.69 1.62
CA GLY A 6 7.86 21.50 0.24
C GLY A 6 7.91 20.05 -0.18
N GLY A 7 7.84 19.85 -1.49
CA GLY A 7 7.84 18.51 -2.04
C GLY A 7 6.49 17.81 -1.86
N ASP A 8 6.54 16.48 -1.77
CA ASP A 8 5.31 15.70 -1.61
C ASP A 8 5.57 14.38 -0.87
N LYS A 9 6.55 14.35 0.02
CA LYS A 9 6.90 13.10 0.70
C LYS A 9 5.98 12.88 1.90
N SER A 10 5.41 11.68 1.97
CA SER A 10 4.54 11.35 3.10
C SER A 10 5.37 11.20 4.36
N VAL A 11 4.76 11.54 5.50
CA VAL A 11 5.39 11.21 6.77
C VAL A 11 5.51 9.70 6.92
N ILE A 12 4.48 8.97 6.51
CA ILE A 12 4.47 7.51 6.56
C ILE A 12 4.29 7.02 5.12
N ASN A 13 5.35 6.43 4.58
CA ASN A 13 5.30 5.93 3.20
C ASN A 13 4.24 4.86 3.06
N LEU A 14 3.42 4.98 2.01
CA LEU A 14 2.31 4.05 1.79
C LEU A 14 2.78 2.60 1.72
N LYS A 15 3.97 2.35 1.17
CA LYS A 15 4.44 0.98 1.04
C LYS A 15 4.74 0.38 2.41
N PHE A 16 5.19 1.20 3.37
CA PHE A 16 5.34 0.73 4.74
C PHE A 16 4.00 0.27 5.29
N ILE A 17 2.96 1.07 5.09
CA ILE A 17 1.63 0.76 5.62
C ILE A 17 1.11 -0.53 5.02
N LEU A 18 1.26 -0.68 3.70
CA LEU A 18 0.84 -1.92 3.05
C LEU A 18 1.60 -3.12 3.60
N ALA A 19 2.93 -3.00 3.72
CA ALA A 19 3.71 -4.10 4.28
C ALA A 19 3.28 -4.44 5.70
N ALA A 20 2.78 -3.46 6.45
CA ALA A 20 2.38 -3.68 7.83
C ALA A 20 1.04 -4.40 7.97
N ILE A 21 0.25 -4.50 6.90
CA ILE A 21 -1.05 -5.16 6.99
C ILE A 21 -0.83 -6.65 7.27
N ASP A 22 -1.35 -7.12 8.41
CA ASP A 22 -1.16 -8.50 8.85
C ASP A 22 0.31 -8.86 8.95
N ALA A 23 1.16 -7.85 9.18
CA ALA A 23 2.60 -8.10 9.33
C ALA A 23 2.88 -9.05 10.49
N HIS A 24 2.07 -9.01 11.54
CA HIS A 24 2.29 -9.91 12.67
C HIS A 24 1.97 -11.35 12.29
N LYS A 25 1.03 -11.55 11.36
CA LYS A 25 0.80 -12.89 10.82
C LYS A 25 1.96 -13.35 9.94
N LYS A 26 2.48 -12.45 9.11
CA LYS A 26 3.58 -12.79 8.22
C LYS A 26 4.86 -13.10 8.99
N LEU A 27 5.15 -12.32 10.03
CA LEU A 27 6.41 -12.45 10.76
C LEU A 27 6.30 -13.35 11.98
N GLY A 28 5.09 -13.57 12.50
CA GLY A 28 4.89 -14.60 13.51
C GLY A 28 4.81 -14.16 14.95
N TRP A 29 3.93 -13.20 15.25
CA TRP A 29 3.61 -12.83 16.61
C TRP A 29 2.16 -12.42 16.71
N GLU A 30 1.58 -12.62 17.87
CA GLU A 30 0.19 -12.26 18.13
C GLU A 30 0.12 -11.01 19.00
N PRO A 31 -0.98 -10.25 18.93
CA PRO A 31 -1.07 -9.01 19.72
C PRO A 31 -0.89 -9.25 21.20
N ALA A 32 0.12 -8.60 21.77
CA ALA A 32 0.44 -8.72 23.19
C ALA A 32 1.03 -7.40 23.67
N GLY A 33 0.50 -6.88 24.76
CA GLY A 33 0.93 -5.62 25.33
C GLY A 33 -0.26 -4.85 25.86
N SER A 34 -0.03 -3.57 26.14
CA SER A 34 -1.09 -2.73 26.69
C SER A 34 -2.14 -2.44 25.63
N LYS A 35 -3.37 -2.22 26.07
CA LYS A 35 -4.47 -1.89 25.18
C LYS A 35 -4.76 -0.40 25.25
N ARG A 36 -4.66 0.27 24.11
CA ARG A 36 -4.72 1.73 24.06
C ARG A 36 -5.68 2.18 22.97
N ILE A 37 -6.44 3.23 23.26
CA ILE A 37 -7.38 3.82 22.33
C ILE A 37 -6.97 5.25 22.07
N GLY A 38 -6.78 5.59 20.80
CA GLY A 38 -6.65 6.98 20.39
C GLY A 38 -8.01 7.54 20.02
N PHE A 39 -8.30 8.75 20.52
CA PHE A 39 -9.61 9.38 20.37
C PHE A 39 -9.40 10.78 19.81
N ASP A 40 -9.66 10.93 18.51
CA ASP A 40 -9.64 12.24 17.87
C ASP A 40 -11.04 12.83 17.89
N VAL A 41 -11.13 14.10 18.30
CA VAL A 41 -12.39 14.76 18.62
C VAL A 41 -12.69 15.76 17.52
N ALA A 42 -13.87 15.63 16.91
CA ALA A 42 -14.25 16.50 15.80
C ALA A 42 -14.39 17.95 16.26
N ASP A 43 -13.96 18.87 15.41
CA ASP A 43 -14.00 20.30 15.71
C ASP A 43 -14.88 21.12 14.78
N ASP A 44 -15.11 20.68 13.55
CA ASP A 44 -16.02 21.35 12.63
C ASP A 44 -16.84 20.30 11.89
N GLY A 45 -17.72 20.76 11.01
CA GLY A 45 -18.43 19.85 10.12
C GLY A 45 -17.49 19.15 9.17
N GLU A 46 -16.32 19.74 8.92
CA GLU A 46 -15.27 19.14 8.10
C GLU A 46 -14.61 17.95 8.79
N ASP A 47 -14.84 17.77 10.07
CA ASP A 47 -14.22 16.69 10.83
C ASP A 47 -15.25 15.66 11.27
N ALA A 48 -14.73 14.51 11.67
CA ALA A 48 -15.50 13.46 12.31
C ALA A 48 -14.73 12.96 13.51
N ASN A 49 -15.44 12.42 14.49
CA ASN A 49 -14.78 11.78 15.62
C ASN A 49 -14.25 10.42 15.20
N ALA A 50 -13.04 10.10 15.65
CA ALA A 50 -12.39 8.87 15.24
C ALA A 50 -11.78 8.18 16.45
N THR A 51 -11.82 6.85 16.44
CA THR A 51 -11.21 6.05 17.48
C THR A 51 -10.40 4.92 16.85
N THR A 52 -9.23 4.67 17.42
CA THR A 52 -8.39 3.55 17.03
C THR A 52 -8.00 2.75 18.26
N LEU A 53 -8.23 1.44 18.21
CA LEU A 53 -7.87 0.51 19.28
C LEU A 53 -6.66 -0.29 18.85
N MET A 54 -5.58 -0.19 19.62
CA MET A 54 -4.38 -0.99 19.44
C MET A 54 -4.20 -1.92 20.64
N HIS A 55 -3.68 -3.11 20.38
CA HIS A 55 -3.32 -4.09 21.41
C HIS A 55 -1.85 -4.41 21.22
N GLY A 56 -1.02 -3.94 22.15
CA GLY A 56 0.42 -4.02 21.97
C GLY A 56 0.86 -3.10 20.85
N ASN A 57 1.39 -3.66 19.76
CA ASN A 57 1.77 -2.86 18.60
C ASN A 57 0.94 -3.22 17.37
N VAL A 58 -0.24 -3.79 17.57
CA VAL A 58 -1.12 -4.22 16.48
C VAL A 58 -2.35 -3.34 16.48
N ILE A 59 -2.63 -2.66 15.37
CA ILE A 59 -3.87 -1.92 15.23
C ILE A 59 -5.01 -2.91 15.06
N MET A 60 -5.95 -2.88 15.99
CA MET A 60 -7.02 -3.87 16.06
C MET A 60 -8.37 -3.36 15.59
N GLU A 61 -8.74 -2.12 15.92
CA GLU A 61 -10.05 -1.64 15.54
C GLU A 61 -9.98 -0.17 15.14
N VAL A 62 -10.85 0.20 14.19
CA VAL A 62 -10.99 1.59 13.76
C VAL A 62 -12.47 1.91 13.66
N ASP A 63 -12.85 3.11 14.10
CA ASP A 63 -14.26 3.50 14.03
C ASP A 63 -14.36 5.02 13.90
N GLU A 64 -15.48 5.46 13.33
CA GLU A 64 -15.67 6.85 12.95
C GLU A 64 -17.15 7.20 13.14
N TRP A 65 -17.43 8.39 13.65
CA TRP A 65 -18.81 8.81 13.83
C TRP A 65 -18.90 10.33 13.89
N ASP A 66 -20.04 10.85 13.48
CA ASP A 66 -20.29 12.29 13.48
C ASP A 66 -20.74 12.76 14.85
N GLY A 67 -20.48 14.04 15.12
CA GLY A 67 -20.86 14.64 16.39
C GLY A 67 -20.01 15.84 16.72
N LEU A 68 -20.64 16.95 17.08
CA LEU A 68 -19.94 18.17 17.43
C LEU A 68 -19.97 18.37 18.94
N GLU A 69 -19.72 19.60 19.39
CA GLU A 69 -19.57 19.85 20.82
C GLU A 69 -20.86 19.61 21.58
N ASP A 70 -22.01 19.94 20.97
CA ASP A 70 -23.28 19.85 21.68
C ASP A 70 -23.74 18.42 21.95
N GLU A 71 -23.04 17.41 21.43
CA GLU A 71 -23.29 16.02 21.81
C GLU A 71 -22.03 15.37 22.38
N LEU A 72 -21.07 16.20 22.82
CA LEU A 72 -19.79 15.71 23.30
C LEU A 72 -19.97 14.64 24.36
N LEU A 73 -20.86 14.90 25.34
CA LEU A 73 -21.14 13.92 26.39
C LEU A 73 -21.35 12.54 25.79
N LYS A 74 -22.31 12.43 24.86
CA LYS A 74 -22.58 11.15 24.20
C LYS A 74 -21.29 10.57 23.63
N SER A 75 -20.59 11.36 22.80
CA SER A 75 -19.33 10.91 22.23
C SER A 75 -18.39 10.42 23.33
N SER A 76 -18.19 11.25 24.36
CA SER A 76 -17.30 10.84 25.45
C SER A 76 -17.75 9.52 26.04
N SER A 77 -19.06 9.39 26.31
CA SER A 77 -19.59 8.15 26.86
C SER A 77 -19.24 6.98 25.95
N ARG A 78 -19.46 7.16 24.64
CA ARG A 78 -19.06 6.16 23.66
C ARG A 78 -17.64 5.69 23.93
N VAL A 79 -16.69 6.64 23.90
CA VAL A 79 -15.29 6.30 24.04
C VAL A 79 -15.05 5.64 25.40
N TYR A 80 -15.72 6.13 26.43
CA TYR A 80 -15.59 5.51 27.74
C TYR A 80 -16.01 4.06 27.68
N ASN A 81 -17.21 3.80 27.13
CA ASN A 81 -17.74 2.43 27.15
C ASN A 81 -16.87 1.50 26.33
N LEU A 82 -16.42 1.96 25.16
CA LEU A 82 -15.45 1.20 24.38
C LEU A 82 -14.26 0.85 25.25
N ALA A 83 -13.69 1.85 25.93
CA ALA A 83 -12.53 1.61 26.77
C ALA A 83 -12.84 0.59 27.86
N LYS A 84 -14.07 0.59 28.37
CA LYS A 84 -14.42 -0.38 29.40
C LYS A 84 -14.60 -1.77 28.81
N ILE A 85 -15.10 -1.86 27.57
CA ILE A 85 -15.34 -3.16 26.96
C ILE A 85 -14.02 -3.79 26.53
N LYS A 86 -13.12 -2.98 25.98
CA LYS A 86 -11.83 -3.48 25.53
C LYS A 86 -10.77 -3.51 26.62
N GLY A 87 -11.02 -2.86 27.76
CA GLY A 87 -10.04 -2.82 28.83
C GLY A 87 -8.81 -2.04 28.43
N ALA A 88 -9.01 -0.81 27.95
CA ALA A 88 -7.95 -0.02 27.36
C ALA A 88 -7.87 1.35 28.01
N SER A 89 -6.68 1.93 28.00
CA SER A 89 -6.52 3.35 28.31
C SER A 89 -6.93 4.18 27.10
N VAL A 90 -7.02 5.50 27.29
CA VAL A 90 -7.45 6.41 26.24
C VAL A 90 -6.50 7.61 26.20
N THR A 91 -6.03 7.94 25.00
CA THR A 91 -5.31 9.18 24.72
C THR A 91 -6.14 9.97 23.72
N TYR A 92 -6.50 11.21 24.07
CA TYR A 92 -7.48 11.95 23.30
C TYR A 92 -6.96 13.33 22.93
N ASP A 93 -7.36 13.78 21.75
CA ASP A 93 -7.14 15.16 21.32
C ASP A 93 -7.75 16.13 22.33
N SER A 94 -6.91 16.96 22.96
CA SER A 94 -7.32 17.78 24.08
C SER A 94 -7.39 19.26 23.75
N ILE A 95 -7.26 19.65 22.48
CA ILE A 95 -7.37 21.05 22.10
C ILE A 95 -8.69 21.25 21.37
N GLY A 96 -9.13 22.51 21.33
CA GLY A 96 -10.44 22.80 20.77
C GLY A 96 -11.52 22.15 21.61
N VAL A 97 -12.47 21.50 20.93
CA VAL A 97 -13.56 20.81 21.60
C VAL A 97 -13.03 19.79 22.60
N GLY A 98 -11.90 19.14 22.29
CA GLY A 98 -11.32 18.17 23.20
C GLY A 98 -10.97 18.72 24.56
N ALA A 99 -10.81 20.05 24.67
CA ALA A 99 -10.57 20.67 25.96
C ALA A 99 -11.71 20.42 26.94
N HIS A 100 -12.90 20.09 26.45
CA HIS A 100 -14.03 19.78 27.31
C HIS A 100 -14.24 18.30 27.52
N VAL A 101 -13.34 17.45 27.02
CA VAL A 101 -13.53 16.01 27.10
C VAL A 101 -13.14 15.47 28.48
N GLY A 102 -12.02 15.95 29.02
CA GLY A 102 -11.52 15.42 30.28
C GLY A 102 -12.56 15.41 31.39
N SER A 103 -13.24 16.55 31.58
CA SER A 103 -14.33 16.63 32.55
C SER A 103 -15.25 15.43 32.45
N LYS A 104 -15.76 15.17 31.24
CA LYS A 104 -16.67 14.05 31.02
C LYS A 104 -16.08 12.76 31.57
N PHE A 105 -14.84 12.46 31.17
CA PHE A 105 -14.20 11.23 31.62
C PHE A 105 -14.14 11.20 33.14
N ALA A 106 -13.72 12.31 33.76
CA ALA A 106 -13.67 12.39 35.21
C ALA A 106 -15.02 12.01 35.80
N GLU A 107 -16.10 12.61 35.29
CA GLU A 107 -17.43 12.30 35.78
C GLU A 107 -17.67 10.80 35.79
N LEU A 108 -17.40 10.13 34.67
CA LEU A 108 -17.67 8.70 34.59
C LEU A 108 -16.81 7.95 35.58
N ASN A 109 -15.54 8.34 35.71
CA ASN A 109 -14.68 7.68 36.69
C ASN A 109 -15.19 7.89 38.09
N ASP A 110 -15.76 9.06 38.36
CA ASP A 110 -16.31 9.32 39.69
C ASP A 110 -17.52 8.44 39.97
N ALA A 111 -18.30 8.09 38.93
CA ALA A 111 -19.48 7.27 39.15
C ALA A 111 -19.16 5.79 39.16
N SER A 112 -18.03 5.42 38.56
CA SER A 112 -17.67 3.98 38.42
C SER A 112 -17.11 3.46 39.74
N PRO A 113 -17.66 2.36 40.25
CA PRO A 113 -17.13 1.78 41.46
C PRO A 113 -15.89 0.94 41.16
N ASP A 114 -15.89 0.27 40.02
CA ASP A 114 -14.82 -0.71 39.73
C ASP A 114 -13.85 -0.19 38.67
N PHE A 115 -14.35 0.23 37.52
CA PHE A 115 -13.45 0.61 36.40
C PHE A 115 -12.98 2.04 36.54
N LYS A 116 -11.67 2.24 36.53
CA LYS A 116 -11.15 3.59 36.48
C LYS A 116 -10.42 3.74 35.15
N LEU A 117 -10.98 4.58 34.27
CA LEU A 117 -10.35 4.79 32.98
C LEU A 117 -9.08 5.62 33.16
N ILE A 118 -7.98 5.11 32.63
CA ILE A 118 -6.75 5.89 32.54
C ILE A 118 -6.82 6.68 31.24
N TYR A 119 -6.86 7.99 31.34
CA TYR A 119 -6.96 8.85 30.17
C TYR A 119 -5.93 9.96 30.27
N ASP A 120 -5.32 10.27 29.14
CA ASP A 120 -4.28 11.28 29.08
C ASP A 120 -4.58 12.25 27.95
N PRO A 121 -4.51 13.55 28.20
CA PRO A 121 -4.71 14.51 27.12
C PRO A 121 -3.49 14.55 26.21
N PHE A 122 -3.74 14.80 24.93
CA PHE A 122 -2.66 14.97 23.96
C PHE A 122 -2.81 16.33 23.29
N ASN A 123 -1.87 17.22 23.59
CA ASN A 123 -1.81 18.55 22.98
C ASN A 123 -0.76 18.46 21.87
N ALA A 124 -1.22 18.51 20.61
CA ALA A 124 -0.32 18.31 19.48
C ALA A 124 0.85 19.29 19.49
N GLY A 125 0.61 20.53 19.90
CA GLY A 125 1.66 21.52 19.94
C GLY A 125 2.52 21.51 21.19
N GLY A 126 2.34 20.54 22.08
CA GLY A 126 3.08 20.51 23.33
C GLY A 126 4.54 20.15 23.14
N ALA A 127 5.28 20.25 24.25
CA ALA A 127 6.71 19.93 24.23
C ALA A 127 6.93 18.45 24.00
N VAL A 128 8.09 18.13 23.41
CA VAL A 128 8.43 16.74 23.12
C VAL A 128 8.82 16.00 24.39
N ASP A 129 8.53 14.70 24.42
CA ASP A 129 9.01 13.85 25.49
C ASP A 129 10.52 13.66 25.39
N LYS A 130 11.20 13.73 26.54
CA LYS A 130 12.65 13.58 26.64
C LYS A 130 13.33 14.53 25.65
N PRO A 131 13.21 15.84 25.86
CA PRO A 131 13.76 16.79 24.87
C PRO A 131 15.27 16.74 24.75
N ASP A 132 15.98 16.38 25.81
CA ASP A 132 17.44 16.41 25.81
C ASP A 132 18.05 15.08 25.38
N ASP A 133 17.23 14.09 25.03
CA ASP A 133 17.75 12.84 24.50
C ASP A 133 18.42 13.07 23.15
N VAL A 134 19.21 12.09 22.72
CA VAL A 134 19.94 12.17 21.45
C VAL A 134 19.12 11.50 20.36
N TYR A 135 18.70 12.28 19.36
CA TYR A 135 18.05 11.74 18.18
C TYR A 135 19.07 11.18 17.19
N MET A 136 20.24 11.82 17.10
CA MET A 136 21.28 11.37 16.18
C MET A 136 22.63 11.89 16.65
N LYS A 137 23.63 11.02 16.68
CA LYS A 137 24.96 11.34 17.15
C LYS A 137 25.87 11.71 15.99
N LEU A 138 26.62 12.79 16.15
CA LEU A 138 27.50 13.33 15.12
C LEU A 138 28.95 13.28 15.59
N PRO A 139 29.94 13.58 14.74
CA PRO A 139 31.35 13.47 15.18
C PRO A 139 31.69 14.21 16.46
N HIS A 140 31.15 15.41 16.67
CA HIS A 140 31.50 16.18 17.86
C HIS A 140 30.32 16.87 18.53
N THR A 141 29.12 16.78 17.96
CA THR A 141 27.90 17.28 18.58
C THR A 141 26.83 16.20 18.48
N THR A 142 25.69 16.45 19.09
CA THR A 142 24.55 15.56 19.01
C THR A 142 23.31 16.36 18.67
N ILE A 143 22.53 15.87 17.70
CA ILE A 143 21.19 16.40 17.45
C ILE A 143 20.27 15.88 18.55
N LYS A 144 19.65 16.79 19.29
CA LYS A 144 18.78 16.41 20.38
C LYS A 144 17.35 16.21 19.86
N ASN A 145 16.52 15.59 20.70
CA ASN A 145 15.10 15.45 20.36
C ASN A 145 14.48 16.83 20.11
N LYS A 146 14.95 17.81 20.87
CA LYS A 146 14.45 19.19 20.78
C LYS A 146 15.02 19.89 19.54
N ASP A 147 16.12 19.35 19.00
CA ASP A 147 16.68 19.90 17.77
C ASP A 147 15.99 19.36 16.53
N HIS A 148 15.47 18.13 16.60
CA HIS A 148 14.93 17.49 15.42
C HIS A 148 13.42 17.67 15.29
N PHE A 149 12.69 17.68 16.40
CA PHE A 149 11.22 17.68 16.39
C PHE A 149 10.67 19.07 16.70
N SER A 150 9.70 19.51 15.91
CA SER A 150 9.03 20.78 16.16
C SER A 150 8.16 20.72 17.40
N ASN A 151 7.48 19.59 17.62
CA ASN A 151 6.58 19.45 18.76
C ASN A 151 6.33 17.96 18.97
N ILE A 152 5.51 17.65 19.98
CA ILE A 152 5.27 16.25 20.34
C ILE A 152 4.49 15.53 19.25
N LYS A 153 3.66 16.25 18.49
CA LYS A 153 2.93 15.61 17.39
C LYS A 153 3.91 15.09 16.34
N ALA A 154 4.91 15.90 15.98
CA ALA A 154 5.93 15.45 15.05
C ALA A 154 6.68 14.26 15.61
N GLN A 155 6.97 14.27 16.91
CA GLN A 155 7.69 13.17 17.54
C GLN A 155 6.91 11.87 17.42
N LYS A 156 5.61 11.91 17.74
CA LYS A 156 4.80 10.70 17.70
C LYS A 156 4.57 10.23 16.27
N TRP A 157 4.34 11.17 15.34
CA TRP A 157 4.19 10.78 13.94
C TRP A 157 5.45 10.11 13.41
N GLU A 158 6.63 10.63 13.74
CA GLU A 158 7.85 10.00 13.26
C GLU A 158 8.11 8.67 13.97
N GLU A 159 7.72 8.55 15.24
CA GLU A 159 7.86 7.27 15.93
C GLU A 159 7.01 6.20 15.24
N VAL A 160 5.77 6.54 14.90
CA VAL A 160 4.90 5.59 14.19
C VAL A 160 5.45 5.29 12.80
N ALA A 161 5.97 6.32 12.11
CA ALA A 161 6.57 6.10 10.79
C ALA A 161 7.78 5.18 10.88
N THR A 162 8.57 5.33 11.94
CA THR A 162 9.72 4.44 12.15
C THR A 162 9.26 3.01 12.37
N ARG A 163 8.17 2.83 13.12
CA ARG A 163 7.59 1.50 13.27
C ARG A 163 7.21 0.92 11.91
N PHE A 164 6.53 1.72 11.08
CA PHE A 164 6.12 1.24 9.76
C PHE A 164 7.31 0.92 8.87
N ARG A 165 8.37 1.73 8.95
CA ARG A 165 9.55 1.51 8.13
C ARG A 165 10.32 0.26 8.55
N LYS A 166 10.50 0.05 9.85
CA LYS A 166 11.12 -1.19 10.31
C LYS A 166 10.28 -2.39 9.91
N THR A 167 8.95 -2.27 9.97
CA THR A 167 8.08 -3.35 9.55
C THR A 167 8.27 -3.65 8.06
N TYR A 168 8.36 -2.61 7.24
CA TYR A 168 8.63 -2.80 5.81
C TYR A 168 9.96 -3.50 5.59
N GLU A 169 11.01 -3.07 6.32
CA GLU A 169 12.30 -3.73 6.22
C GLU A 169 12.21 -5.20 6.56
N ALA A 170 11.47 -5.53 7.63
CA ALA A 170 11.36 -6.92 8.06
C ALA A 170 10.57 -7.76 7.07
N VAL A 171 9.52 -7.18 6.48
CA VAL A 171 8.66 -7.94 5.58
C VAL A 171 9.31 -8.12 4.21
N GLU A 172 9.80 -7.03 3.61
CA GLU A 172 10.28 -7.02 2.24
C GLU A 172 11.77 -7.33 2.11
N HIS A 173 12.57 -7.07 3.15
CA HIS A 173 14.00 -7.30 3.06
C HIS A 173 14.49 -8.34 4.04
N GLY A 174 13.61 -8.94 4.83
CA GLY A 174 14.02 -9.96 5.77
C GLY A 174 14.87 -9.45 6.90
N LYS A 175 14.87 -8.14 7.15
CA LYS A 175 15.66 -7.60 8.24
C LYS A 175 15.06 -7.98 9.58
N VAL A 176 15.93 -8.14 10.58
CA VAL A 176 15.53 -8.65 11.88
C VAL A 176 15.52 -7.51 12.87
N TYR A 177 14.38 -7.34 13.55
CA TYR A 177 14.18 -6.42 14.66
C TYR A 177 13.46 -7.15 15.77
N PRO A 178 13.62 -6.69 17.02
CA PRO A 178 12.67 -7.07 18.07
C PRO A 178 11.24 -6.72 17.65
N PHE A 179 10.34 -7.68 17.80
CA PHE A 179 8.99 -7.52 17.26
C PHE A 179 8.26 -6.34 17.88
N ASP A 180 8.56 -5.98 19.13
CA ASP A 180 7.83 -4.88 19.75
C ASP A 180 8.14 -3.54 19.08
N GLU A 181 9.25 -3.44 18.35
CA GLU A 181 9.57 -2.21 17.63
C GLU A 181 8.81 -2.07 16.32
N LEU A 182 8.06 -3.08 15.92
CA LEU A 182 7.33 -3.03 14.66
C LEU A 182 5.89 -2.62 14.92
N ILE A 183 5.06 -2.68 13.88
CA ILE A 183 3.64 -2.38 13.99
C ILE A 183 2.91 -3.26 12.98
N SER A 184 1.65 -3.54 13.25
CA SER A 184 0.86 -4.38 12.35
C SER A 184 -0.58 -3.89 12.35
N ILE A 185 -1.27 -4.12 11.24
CA ILE A 185 -2.68 -3.79 11.10
C ILE A 185 -3.43 -5.10 10.94
N ASN A 186 -4.39 -5.34 11.83
CA ASN A 186 -5.14 -6.59 11.86
C ASN A 186 -6.34 -6.47 10.91
N SER A 187 -6.22 -7.09 9.74
CA SER A 187 -7.25 -6.96 8.71
C SER A 187 -8.53 -7.67 9.10
N GLU A 188 -8.44 -8.76 9.87
CA GLU A 188 -9.63 -9.56 10.17
C GLU A 188 -10.64 -8.80 11.03
N THR A 189 -10.19 -7.81 11.80
CA THR A 189 -11.08 -7.05 12.67
C THR A 189 -11.36 -5.64 12.16
N ILE A 190 -10.97 -5.34 10.92
CA ILE A 190 -11.18 -4.01 10.33
C ILE A 190 -11.85 -4.19 8.98
N HIS A 191 -12.89 -3.40 8.73
CA HIS A 191 -13.61 -3.49 7.48
C HIS A 191 -12.72 -3.09 6.31
N PRO A 192 -12.83 -3.75 5.16
CA PRO A 192 -11.96 -3.39 4.01
C PRO A 192 -12.03 -1.93 3.63
N ASP A 193 -13.23 -1.34 3.64
CA ASP A 193 -13.36 0.10 3.41
C ASP A 193 -12.53 0.88 4.42
N LYS A 194 -12.63 0.51 5.70
CA LYS A 194 -11.87 1.21 6.73
C LYS A 194 -10.37 0.95 6.60
N LEU A 195 -9.98 -0.25 6.17
CA LEU A 195 -8.56 -0.53 5.95
C LEU A 195 -7.99 0.34 4.84
N ASN A 196 -8.71 0.43 3.72
CA ASN A 196 -8.28 1.29 2.62
C ASN A 196 -8.21 2.74 3.06
N GLN A 197 -9.24 3.22 3.77
CA GLN A 197 -9.23 4.59 4.24
C GLN A 197 -8.07 4.84 5.20
N LEU A 198 -7.77 3.88 6.07
CA LEU A 198 -6.66 4.00 6.99
C LEU A 198 -5.34 4.12 6.24
N CYS A 199 -5.15 3.27 5.21
CA CYS A 199 -3.92 3.34 4.43
C CYS A 199 -3.77 4.68 3.73
N ILE A 200 -4.88 5.19 3.17
CA ILE A 200 -4.81 6.49 2.48
C ILE A 200 -4.56 7.63 3.47
N GLU A 201 -5.24 7.60 4.61
CA GLU A 201 -5.14 8.71 5.55
C GLU A 201 -3.78 8.76 6.23
N LEU A 202 -3.24 7.61 6.63
CA LEU A 202 -1.94 7.60 7.31
C LEU A 202 -0.82 8.14 6.42
N SER A 203 -0.93 7.92 5.11
CA SER A 203 0.08 8.40 4.18
C SER A 203 -0.25 9.77 3.59
N SER A 204 -1.32 10.41 4.05
CA SER A 204 -1.74 11.70 3.48
C SER A 204 -0.87 12.86 3.95
N PRO A 205 -0.64 13.06 5.25
CA PRO A 205 0.15 14.22 5.68
C PRO A 205 1.60 14.11 5.24
N ARG A 206 2.16 15.23 4.78
CA ARG A 206 3.50 15.28 4.24
C ARG A 206 4.50 15.82 5.26
N LYS A 207 5.77 15.55 5.01
CA LYS A 207 6.86 16.11 5.81
C LYS A 207 7.00 17.61 5.56
N ASP A 208 7.28 18.36 6.61
CA ASP A 208 7.38 19.80 6.52
C ASP A 208 8.38 20.30 7.55
N LEU A 209 8.55 21.61 7.61
CA LEU A 209 9.57 22.24 8.43
C LEU A 209 8.97 23.36 9.26
N ASP A 210 9.39 23.46 10.51
CA ASP A 210 9.09 24.67 11.27
C ASP A 210 10.24 25.65 11.07
N MET A 211 10.09 26.86 11.58
CA MET A 211 11.09 27.87 11.26
C MET A 211 12.37 27.74 12.08
N ASN A 212 12.48 26.72 12.92
CA ASN A 212 13.75 26.37 13.56
C ASN A 212 14.49 25.27 12.81
N GLY A 213 13.95 24.81 11.67
CA GLY A 213 14.55 23.72 10.95
C GLY A 213 14.20 22.34 11.49
N ARG A 214 13.18 22.23 12.33
CA ARG A 214 12.79 20.97 12.92
C ARG A 214 11.67 20.33 12.11
N PHE A 215 11.64 18.99 12.12
CA PHE A 215 10.60 18.27 11.41
C PHE A 215 9.23 18.61 11.96
N LYS A 216 8.27 18.83 11.05
CA LYS A 216 6.91 19.18 11.40
C LYS A 216 5.97 18.40 10.48
N VAL A 217 4.84 17.98 11.03
CA VAL A 217 3.81 17.35 10.20
C VAL A 217 3.02 18.44 9.48
N GLU A 218 2.76 18.22 8.19
CA GLU A 218 1.94 19.14 7.42
C GLU A 218 0.62 19.39 8.13
N SER A 219 0.28 20.66 8.33
CA SER A 219 -0.88 21.01 9.13
C SER A 219 -2.17 20.57 8.44
N LYS A 220 -3.19 20.30 9.26
CA LYS A 220 -4.52 20.01 8.72
C LYS A 220 -5.01 21.15 7.85
N LYS A 221 -4.79 22.39 8.31
CA LYS A 221 -5.19 23.56 7.55
C LYS A 221 -4.53 23.59 6.18
N ASP A 222 -3.23 23.27 6.11
CA ASP A 222 -2.55 23.26 4.82
C ASP A 222 -3.07 22.14 3.92
N MET A 223 -3.38 20.99 4.51
CA MET A 223 -4.01 19.91 3.74
C MET A 223 -5.33 20.37 3.15
N ARG A 224 -6.14 21.05 3.95
CA ARG A 224 -7.48 21.46 3.48
C ARG A 224 -7.40 22.57 2.44
N GLU A 225 -6.55 23.58 2.67
CA GLU A 225 -6.53 24.76 1.81
C GLU A 225 -5.57 24.62 0.62
N LYS A 226 -4.34 24.16 0.88
CA LYS A 226 -3.36 24.05 -0.19
C LYS A 226 -3.62 22.85 -1.10
N ARG A 227 -4.22 21.78 -0.56
CA ARG A 227 -4.39 20.54 -1.32
C ARG A 227 -5.82 20.01 -1.33
N LYS A 228 -6.75 20.65 -0.61
CA LYS A 228 -8.17 20.30 -0.64
C LYS A 228 -8.38 18.82 -0.31
N ILE A 229 -7.75 18.40 0.79
CA ILE A 229 -7.80 17.02 1.26
C ILE A 229 -8.56 16.99 2.57
N LYS A 230 -9.45 16.01 2.72
CA LYS A 230 -10.22 15.90 3.94
C LYS A 230 -9.32 15.60 5.14
N SER A 231 -9.83 15.92 6.33
CA SER A 231 -9.09 15.71 7.57
C SER A 231 -8.92 14.22 7.84
N PRO A 232 -7.70 13.72 8.00
CA PRO A 232 -7.50 12.29 8.35
C PRO A 232 -7.66 12.02 9.83
N ASN A 233 -8.90 12.12 10.31
CA ASN A 233 -9.20 11.94 11.73
C ASN A 233 -8.80 10.55 12.20
N ILE A 234 -9.04 9.53 11.38
CA ILE A 234 -8.66 8.17 11.74
C ILE A 234 -7.16 8.06 11.93
N ALA A 235 -6.38 8.70 11.05
CA ALA A 235 -4.92 8.65 11.18
C ALA A 235 -4.46 9.32 12.48
N ASP A 236 -5.08 10.43 12.85
CA ASP A 236 -4.76 11.08 14.12
C ASP A 236 -5.09 10.18 15.30
N SER A 237 -6.25 9.53 15.26
CA SER A 237 -6.60 8.58 16.32
C SER A 237 -5.59 7.43 16.37
N VAL A 238 -5.09 7.00 15.21
CA VAL A 238 -4.06 5.95 15.17
C VAL A 238 -2.80 6.42 15.88
N ILE A 239 -2.33 7.62 15.52
CA ILE A 239 -1.11 8.16 16.13
C ILE A 239 -1.28 8.25 17.65
N MET A 240 -2.43 8.73 18.11
CA MET A 240 -2.65 8.82 19.55
C MET A 240 -2.78 7.45 20.20
N SER A 241 -3.30 6.46 19.49
CA SER A 241 -3.37 5.10 20.03
C SER A 241 -2.00 4.47 20.17
N ALA A 242 -1.01 4.94 19.41
CA ALA A 242 0.34 4.39 19.48
C ALA A 242 1.17 5.01 20.60
N ILE A 243 0.69 6.06 21.26
CA ILE A 243 1.51 6.77 22.24
C ILE A 243 1.62 5.93 23.51
N LEU A 244 2.86 5.78 24.00
CA LEU A 244 3.25 5.06 25.20
C LEU A 244 3.41 6.03 26.37
N PRO A 245 2.87 5.71 27.54
CA PRO A 245 2.87 6.67 28.65
C PRO A 245 4.27 6.95 29.17
N ILE A 246 4.42 8.14 29.76
CA ILE A 246 5.73 8.60 30.28
C ILE A 246 5.56 9.11 31.71
N ARG A 247 6.66 9.24 32.47
CA ARG A 247 6.68 9.76 33.87
C ARG A 247 6.42 8.64 34.91
N LYS A 248 7.23 7.57 34.93
CA LYS A 248 7.17 6.44 35.93
C LYS A 248 8.03 5.27 35.44
N LYS B 9 12.45 4.99 -8.08
CA LYS B 9 11.03 5.25 -8.30
C LYS B 9 10.37 4.13 -9.09
N SER B 10 9.20 3.71 -8.63
CA SER B 10 8.48 2.59 -9.23
C SER B 10 8.04 2.90 -10.65
N VAL B 11 8.01 1.86 -11.48
CA VAL B 11 7.39 1.98 -12.80
C VAL B 11 5.92 2.27 -12.65
N ILE B 12 5.26 1.61 -11.69
CA ILE B 12 3.85 1.81 -11.41
C ILE B 12 3.76 2.28 -9.96
N ASN B 13 3.38 3.54 -9.77
CA ASN B 13 3.26 4.10 -8.43
C ASN B 13 2.23 3.34 -7.62
N LEU B 14 2.61 2.98 -6.39
CA LEU B 14 1.73 2.17 -5.54
C LEU B 14 0.37 2.83 -5.33
N LYS B 15 0.33 4.16 -5.24
CA LYS B 15 -0.95 4.82 -5.00
C LYS B 15 -1.88 4.70 -6.21
N PHE B 16 -1.33 4.63 -7.42
CA PHE B 16 -2.15 4.33 -8.59
C PHE B 16 -2.81 2.98 -8.43
N ILE B 17 -2.04 1.97 -8.01
CA ILE B 17 -2.56 0.63 -7.83
C ILE B 17 -3.64 0.61 -6.76
N LEU B 18 -3.40 1.33 -5.65
CA LEU B 18 -4.41 1.45 -4.61
C LEU B 18 -5.70 2.03 -5.16
N ALA B 19 -5.59 3.13 -5.92
CA ALA B 19 -6.78 3.74 -6.51
C ALA B 19 -7.49 2.79 -7.47
N ALA B 20 -6.75 1.87 -8.09
CA ALA B 20 -7.35 0.96 -9.06
C ALA B 20 -8.16 -0.17 -8.42
N ILE B 21 -8.02 -0.42 -7.12
CA ILE B 21 -8.76 -1.50 -6.49
C ILE B 21 -10.25 -1.17 -6.50
N ASP B 22 -11.03 -2.03 -7.14
CA ASP B 22 -12.47 -1.83 -7.32
C ASP B 22 -12.79 -0.50 -8.00
N ALA B 23 -11.84 0.00 -8.79
CA ALA B 23 -12.07 1.25 -9.51
C ALA B 23 -13.26 1.16 -10.47
N HIS B 24 -13.52 -0.03 -11.02
CA HIS B 24 -14.64 -0.17 -11.93
C HIS B 24 -15.97 -0.06 -11.20
N LYS B 25 -16.03 -0.50 -9.94
CA LYS B 25 -17.23 -0.29 -9.14
C LYS B 25 -17.38 1.18 -8.75
N LYS B 26 -16.28 1.83 -8.38
CA LYS B 26 -16.35 3.23 -7.98
C LYS B 26 -16.77 4.13 -9.13
N LEU B 27 -16.22 3.90 -10.32
CA LEU B 27 -16.47 4.78 -11.45
C LEU B 27 -17.63 4.34 -12.32
N GLY B 28 -18.04 3.07 -12.24
CA GLY B 28 -19.26 2.62 -12.88
C GLY B 28 -19.11 1.90 -14.20
N TRP B 29 -18.29 0.85 -14.23
CA TRP B 29 -18.25 -0.05 -15.38
C TRP B 29 -18.00 -1.47 -14.90
N GLU B 30 -18.48 -2.45 -15.68
CA GLU B 30 -18.31 -3.86 -15.36
C GLU B 30 -17.30 -4.52 -16.28
N PRO B 31 -16.72 -5.64 -15.85
CA PRO B 31 -15.78 -6.38 -16.71
C PRO B 31 -16.46 -6.83 -17.99
N ALA B 32 -15.94 -6.36 -19.12
CA ALA B 32 -16.49 -6.72 -20.42
C ALA B 32 -15.34 -6.71 -21.42
N GLY B 33 -15.21 -7.81 -22.16
CA GLY B 33 -14.14 -7.95 -23.12
C GLY B 33 -13.60 -9.36 -23.10
N SER B 34 -12.43 -9.53 -23.70
CA SER B 34 -11.80 -10.84 -23.78
C SER B 34 -11.29 -11.28 -22.42
N LYS B 35 -11.27 -12.59 -22.21
CA LYS B 35 -10.73 -13.19 -21.00
C LYS B 35 -9.35 -13.76 -21.29
N ARG B 36 -8.35 -13.27 -20.56
CA ARG B 36 -6.96 -13.59 -20.85
C ARG B 36 -6.23 -13.97 -19.57
N ILE B 37 -5.34 -14.97 -19.68
CA ILE B 37 -4.53 -15.43 -18.56
C ILE B 37 -3.07 -15.19 -18.91
N GLY B 38 -2.37 -14.45 -18.06
CA GLY B 38 -0.93 -14.35 -18.14
C GLY B 38 -0.28 -15.39 -17.24
N PHE B 39 0.73 -16.06 -17.78
CA PHE B 39 1.37 -17.21 -17.14
C PHE B 39 2.87 -16.96 -17.09
N ASP B 40 3.37 -16.56 -15.92
CA ASP B 40 4.80 -16.40 -15.71
C ASP B 40 5.39 -17.71 -15.19
N VAL B 41 6.49 -18.13 -15.82
CA VAL B 41 7.05 -19.48 -15.68
C VAL B 41 8.34 -19.40 -14.87
N ALA B 42 8.38 -20.15 -13.78
CA ALA B 42 9.53 -20.14 -12.88
C ALA B 42 10.76 -20.71 -13.56
N ASP B 43 11.93 -20.14 -13.23
CA ASP B 43 13.19 -20.56 -13.83
C ASP B 43 14.17 -21.14 -12.84
N ASP B 44 14.14 -20.73 -11.56
CA ASP B 44 14.91 -21.35 -10.51
C ASP B 44 14.06 -21.36 -9.24
N GLY B 45 14.65 -21.85 -8.15
CA GLY B 45 13.97 -21.86 -6.87
C GLY B 45 13.64 -20.49 -6.32
N GLU B 46 14.31 -19.44 -6.79
CA GLU B 46 14.03 -18.10 -6.29
C GLU B 46 12.68 -17.55 -6.74
N ASP B 47 12.10 -18.10 -7.80
CA ASP B 47 10.81 -17.63 -8.28
C ASP B 47 9.76 -18.72 -8.15
N ALA B 48 8.51 -18.33 -8.37
CA ALA B 48 7.39 -19.24 -8.42
C ALA B 48 6.57 -18.97 -9.68
N ASN B 49 5.82 -19.98 -10.11
CA ASN B 49 4.94 -19.82 -11.24
C ASN B 49 3.71 -19.00 -10.84
N ALA B 50 3.28 -18.12 -11.74
CA ALA B 50 2.20 -17.19 -11.43
C ALA B 50 1.22 -17.11 -12.58
N THR B 51 -0.06 -16.94 -12.25
CA THR B 51 -1.12 -16.74 -13.24
C THR B 51 -1.99 -15.56 -12.84
N THR B 52 -2.35 -14.76 -13.83
CA THR B 52 -3.30 -13.66 -13.63
C THR B 52 -4.39 -13.76 -14.68
N LEU B 53 -5.64 -13.75 -14.23
CA LEU B 53 -6.82 -13.80 -15.08
C LEU B 53 -7.46 -12.42 -15.12
N MET B 54 -7.55 -11.85 -16.32
CA MET B 54 -8.24 -10.59 -16.58
C MET B 54 -9.46 -10.83 -17.47
N HIS B 55 -10.50 -10.04 -17.23
CA HIS B 55 -11.70 -10.01 -18.04
C HIS B 55 -11.89 -8.57 -18.52
N GLY B 56 -11.67 -8.35 -19.82
CA GLY B 56 -11.66 -6.99 -20.33
C GLY B 56 -10.47 -6.22 -19.81
N ASN B 57 -10.73 -5.18 -19.00
CA ASN B 57 -9.67 -4.41 -18.36
C ASN B 57 -9.70 -4.52 -16.84
N VAL B 58 -10.30 -5.59 -16.31
CA VAL B 58 -10.43 -5.79 -14.87
C VAL B 58 -9.62 -7.02 -14.49
N ILE B 59 -8.69 -6.83 -13.56
CA ILE B 59 -7.93 -7.96 -13.02
C ILE B 59 -8.85 -8.75 -12.10
N MET B 60 -9.08 -10.01 -12.43
CA MET B 60 -10.05 -10.82 -11.71
C MET B 60 -9.42 -11.82 -10.76
N GLU B 61 -8.34 -12.51 -11.17
CA GLU B 61 -7.79 -13.55 -10.31
C GLU B 61 -6.27 -13.58 -10.40
N VAL B 62 -5.63 -13.94 -9.29
CA VAL B 62 -4.19 -14.14 -9.25
C VAL B 62 -3.90 -15.43 -8.48
N ASP B 63 -2.88 -16.16 -8.92
CA ASP B 63 -2.53 -17.42 -8.28
C ASP B 63 -1.03 -17.66 -8.42
N GLU B 64 -0.48 -18.42 -7.48
CA GLU B 64 0.96 -18.62 -7.36
C GLU B 64 1.22 -20.03 -6.87
N TRP B 65 2.24 -20.69 -7.45
CA TRP B 65 2.56 -22.05 -7.02
C TRP B 65 4.01 -22.38 -7.39
N ASP B 66 4.61 -23.26 -6.60
CA ASP B 66 5.99 -23.67 -6.84
C ASP B 66 6.06 -24.77 -7.88
N GLY B 67 7.20 -24.83 -8.57
CA GLY B 67 7.42 -25.85 -9.60
C GLY B 67 8.45 -25.44 -10.63
N LEU B 68 9.40 -26.32 -10.89
CA LEU B 68 10.47 -26.08 -11.84
C LEU B 68 10.23 -26.90 -13.13
N GLU B 69 11.29 -27.05 -13.93
CA GLU B 69 11.14 -27.67 -15.24
C GLU B 69 10.70 -29.13 -15.13
N ASP B 70 11.15 -29.84 -14.09
CA ASP B 70 10.88 -31.27 -13.99
C ASP B 70 9.40 -31.58 -13.76
N GLU B 71 8.58 -30.56 -13.49
CA GLU B 71 7.13 -30.72 -13.40
C GLU B 71 6.40 -29.78 -14.35
N LEU B 72 7.11 -29.28 -15.39
CA LEU B 72 6.53 -28.29 -16.29
C LEU B 72 5.19 -28.72 -16.83
N LEU B 73 5.10 -29.96 -17.33
CA LEU B 73 3.83 -30.50 -17.82
C LEU B 73 2.72 -30.23 -16.82
N LYS B 74 2.91 -30.67 -15.58
CA LYS B 74 1.94 -30.43 -14.53
C LYS B 74 1.56 -28.96 -14.48
N SER B 75 2.57 -28.10 -14.33
CA SER B 75 2.33 -26.66 -14.33
C SER B 75 1.52 -26.27 -15.56
N SER B 76 2.00 -26.67 -16.75
CA SER B 76 1.30 -26.33 -17.98
C SER B 76 -0.14 -26.83 -17.92
N SER B 77 -0.32 -28.09 -17.52
CA SER B 77 -1.67 -28.64 -17.41
C SER B 77 -2.54 -27.76 -16.52
N ARG B 78 -1.98 -27.36 -15.36
CA ARG B 78 -2.67 -26.46 -14.46
C ARG B 78 -3.20 -25.26 -15.23
N VAL B 79 -2.30 -24.53 -15.90
CA VAL B 79 -2.75 -23.32 -16.58
C VAL B 79 -3.81 -23.69 -17.60
N TYR B 80 -3.58 -24.81 -18.31
CA TYR B 80 -4.52 -25.23 -19.34
C TYR B 80 -5.91 -25.38 -18.76
N ASN B 81 -6.03 -26.12 -17.65
CA ASN B 81 -7.36 -26.36 -17.10
C ASN B 81 -7.96 -25.07 -16.59
N LEU B 82 -7.14 -24.22 -15.96
CA LEU B 82 -7.65 -22.91 -15.57
C LEU B 82 -8.26 -22.20 -16.77
N ALA B 83 -7.51 -22.16 -17.88
CA ALA B 83 -8.01 -21.49 -19.08
C ALA B 83 -9.31 -22.14 -19.58
N LYS B 84 -9.45 -23.45 -19.37
CA LYS B 84 -10.68 -24.11 -19.80
C LYS B 84 -11.84 -23.79 -18.88
N ILE B 85 -11.59 -23.61 -17.59
CA ILE B 85 -12.68 -23.34 -16.66
C ILE B 85 -13.17 -21.91 -16.80
N LYS B 86 -12.25 -20.97 -16.96
CA LYS B 86 -12.60 -19.56 -17.12
C LYS B 86 -12.89 -19.16 -18.56
N GLY B 87 -12.53 -20.00 -19.52
CA GLY B 87 -12.76 -19.68 -20.92
C GLY B 87 -11.89 -18.54 -21.42
N ALA B 88 -10.58 -18.67 -21.24
CA ALA B 88 -9.66 -17.58 -21.52
C ALA B 88 -8.55 -18.04 -22.46
N SER B 89 -8.02 -17.08 -23.22
CA SER B 89 -6.77 -17.30 -23.94
C SER B 89 -5.60 -17.20 -22.97
N VAL B 90 -4.40 -17.55 -23.43
CA VAL B 90 -3.23 -17.58 -22.56
C VAL B 90 -2.05 -16.89 -23.24
N THR B 91 -1.40 -15.99 -22.52
CA THR B 91 -0.11 -15.42 -22.91
C THR B 91 0.91 -15.84 -21.85
N TYR B 92 1.99 -16.48 -22.28
CA TYR B 92 2.90 -17.15 -21.35
C TYR B 92 4.33 -16.70 -21.59
N ASP B 93 5.08 -16.62 -20.49
CA ASP B 93 6.52 -16.42 -20.49
C ASP B 93 7.19 -17.49 -21.35
N SER B 94 7.80 -17.08 -22.46
CA SER B 94 8.25 -18.03 -23.48
C SER B 94 9.77 -18.15 -23.56
N ILE B 95 10.51 -17.54 -22.65
CA ILE B 95 11.96 -17.69 -22.60
C ILE B 95 12.33 -18.45 -21.34
N GLY B 96 13.55 -18.97 -21.33
CA GLY B 96 13.96 -19.85 -20.24
C GLY B 96 13.15 -21.13 -20.25
N VAL B 97 12.72 -21.56 -19.06
CA VAL B 97 11.90 -22.77 -18.96
C VAL B 97 10.64 -22.65 -19.82
N GLY B 98 10.08 -21.44 -19.88
CA GLY B 98 8.90 -21.20 -20.68
C GLY B 98 9.07 -21.49 -22.17
N ALA B 99 10.32 -21.52 -22.64
CA ALA B 99 10.58 -21.92 -24.02
C ALA B 99 10.07 -23.31 -24.33
N HIS B 100 9.85 -24.14 -23.32
CA HIS B 100 9.32 -25.48 -23.50
C HIS B 100 7.81 -25.56 -23.24
N VAL B 101 7.15 -24.43 -22.98
CA VAL B 101 5.75 -24.48 -22.57
C VAL B 101 4.83 -24.69 -23.77
N GLY B 102 5.11 -24.00 -24.89
CA GLY B 102 4.25 -24.12 -26.05
C GLY B 102 4.03 -25.55 -26.46
N SER B 103 5.12 -26.31 -26.59
CA SER B 103 5.02 -27.74 -26.88
C SER B 103 3.99 -28.40 -25.97
N LYS B 104 4.14 -28.22 -24.65
CA LYS B 104 3.19 -28.80 -23.71
C LYS B 104 1.76 -28.43 -24.08
N PHE B 105 1.49 -27.13 -24.28
CA PHE B 105 0.15 -26.72 -24.65
C PHE B 105 -0.31 -27.44 -25.92
N ALA B 106 0.57 -27.49 -26.93
CA ALA B 106 0.27 -28.23 -28.15
C ALA B 106 -0.15 -29.65 -27.80
N GLU B 107 0.65 -30.33 -26.97
CA GLU B 107 0.32 -31.67 -26.53
C GLU B 107 -1.11 -31.73 -26.02
N LEU B 108 -1.44 -30.83 -25.09
CA LEU B 108 -2.77 -30.86 -24.50
C LEU B 108 -3.83 -30.60 -25.55
N ASN B 109 -3.55 -29.67 -26.49
CA ASN B 109 -4.51 -29.41 -27.56
C ASN B 109 -4.72 -30.65 -28.41
N ASP B 110 -3.67 -31.44 -28.62
CA ASP B 110 -3.82 -32.68 -29.37
C ASP B 110 -4.69 -33.67 -28.61
N ALA B 111 -4.66 -33.62 -27.28
CA ALA B 111 -5.46 -34.55 -26.50
C ALA B 111 -6.89 -34.06 -26.28
N SER B 112 -7.13 -32.76 -26.42
CA SER B 112 -8.46 -32.21 -26.18
C SER B 112 -9.26 -32.22 -27.48
N PRO B 113 -10.35 -33.00 -27.57
CA PRO B 113 -11.12 -33.01 -28.83
C PRO B 113 -11.95 -31.76 -29.06
N ASP B 114 -12.53 -31.17 -28.00
CA ASP B 114 -13.49 -30.09 -28.18
C ASP B 114 -12.99 -28.74 -27.68
N PHE B 115 -12.18 -28.69 -26.63
CA PHE B 115 -11.59 -27.44 -26.19
C PHE B 115 -10.26 -27.22 -26.88
N LYS B 116 -10.09 -26.06 -27.53
CA LYS B 116 -8.83 -25.68 -28.15
C LYS B 116 -8.33 -24.39 -27.51
N LEU B 117 -7.24 -24.49 -26.76
CA LEU B 117 -6.65 -23.35 -26.08
C LEU B 117 -5.93 -22.44 -27.06
N ILE B 118 -6.24 -21.15 -27.01
CA ILE B 118 -5.48 -20.12 -27.71
C ILE B 118 -4.34 -19.66 -26.81
N TYR B 119 -3.11 -19.88 -27.24
CA TYR B 119 -1.94 -19.48 -26.46
C TYR B 119 -0.95 -18.73 -27.35
N ASP B 120 -0.36 -17.68 -26.79
CA ASP B 120 0.60 -16.84 -27.51
C ASP B 120 1.84 -16.65 -26.65
N PRO B 121 3.04 -16.79 -27.23
CA PRO B 121 4.26 -16.57 -26.46
C PRO B 121 4.54 -15.09 -26.25
N PHE B 122 5.12 -14.78 -25.09
CA PHE B 122 5.62 -13.43 -24.79
C PHE B 122 7.07 -13.54 -24.39
N ASN B 123 7.96 -13.03 -25.24
CA ASN B 123 9.40 -12.97 -24.97
C ASN B 123 9.71 -11.57 -24.46
N ALA B 124 10.03 -11.47 -23.16
CA ALA B 124 10.22 -10.18 -22.53
C ALA B 124 11.31 -9.37 -23.23
N GLY B 125 12.35 -10.04 -23.72
CA GLY B 125 13.43 -9.37 -24.41
C GLY B 125 13.18 -9.10 -25.88
N GLY B 126 11.98 -9.35 -26.38
CA GLY B 126 11.70 -9.17 -27.79
C GLY B 126 11.65 -7.71 -28.19
N ALA B 127 11.52 -7.50 -29.50
CA ALA B 127 11.43 -6.14 -30.03
C ALA B 127 10.12 -5.48 -29.64
N VAL B 128 10.16 -4.15 -29.55
CA VAL B 128 8.96 -3.39 -29.24
C VAL B 128 8.04 -3.37 -30.44
N ASP B 129 6.73 -3.30 -30.19
CA ASP B 129 5.78 -3.13 -31.27
C ASP B 129 5.94 -1.75 -31.88
N LYS B 130 5.91 -1.68 -33.21
CA LYS B 130 6.12 -0.46 -33.98
C LYS B 130 7.41 0.22 -33.57
N PRO B 131 8.57 -0.38 -33.85
CA PRO B 131 9.84 0.20 -33.37
C PRO B 131 10.14 1.57 -33.97
N ASP B 132 9.64 1.85 -35.17
CA ASP B 132 9.93 3.10 -35.84
C ASP B 132 8.88 4.17 -35.57
N ASP B 133 7.88 3.91 -34.74
CA ASP B 133 6.93 4.94 -34.36
C ASP B 133 7.62 6.02 -33.55
N VAL B 134 6.94 7.17 -33.44
CA VAL B 134 7.45 8.31 -32.70
C VAL B 134 6.88 8.24 -31.28
N TYR B 135 7.77 8.03 -30.30
CA TYR B 135 7.36 8.10 -28.90
C TYR B 135 7.27 9.54 -28.42
N MET B 136 8.16 10.40 -28.91
CA MET B 136 8.18 11.80 -28.52
C MET B 136 8.92 12.59 -29.58
N LYS B 137 8.34 13.71 -30.00
CA LYS B 137 8.91 14.53 -31.05
C LYS B 137 9.65 15.72 -30.45
N LEU B 138 10.82 16.01 -31.01
CA LEU B 138 11.71 17.06 -30.56
C LEU B 138 11.81 18.14 -31.62
N PRO B 139 12.46 19.28 -31.32
CA PRO B 139 12.52 20.37 -32.32
C PRO B 139 12.99 19.94 -33.70
N HIS B 140 13.94 19.02 -33.79
CA HIS B 140 14.46 18.63 -35.10
C HIS B 140 14.66 17.14 -35.28
N THR B 141 14.47 16.32 -34.24
CA THR B 141 14.51 14.87 -34.36
C THR B 141 13.31 14.29 -33.63
N THR B 142 13.17 12.97 -33.69
CA THR B 142 12.12 12.27 -32.96
C THR B 142 12.74 11.12 -32.18
N ILE B 143 12.38 11.01 -30.91
CA ILE B 143 12.69 9.81 -30.15
C ILE B 143 11.72 8.73 -30.59
N LYS B 144 12.25 7.64 -31.13
CA LYS B 144 11.41 6.57 -31.61
C LYS B 144 11.16 5.54 -30.51
N ASN B 145 10.19 4.65 -30.75
CA ASN B 145 9.90 3.59 -29.80
C ASN B 145 11.13 2.74 -29.52
N LYS B 146 11.95 2.48 -30.55
CA LYS B 146 13.17 1.73 -30.33
C LYS B 146 14.24 2.57 -29.64
N ASP B 147 14.12 3.89 -29.66
CA ASP B 147 15.05 4.74 -28.91
C ASP B 147 14.68 4.83 -27.43
N HIS B 148 13.39 4.73 -27.11
CA HIS B 148 12.94 4.92 -25.74
C HIS B 148 12.85 3.62 -24.96
N PHE B 149 12.42 2.54 -25.61
CA PHE B 149 12.15 1.28 -24.94
C PHE B 149 13.33 0.32 -25.15
N SER B 150 13.76 -0.32 -24.06
CA SER B 150 14.80 -1.33 -24.17
C SER B 150 14.27 -2.57 -24.87
N ASN B 151 13.03 -2.95 -24.60
CA ASN B 151 12.43 -4.15 -25.16
C ASN B 151 10.92 -4.08 -24.99
N ILE B 152 10.24 -5.13 -25.44
CA ILE B 152 8.78 -5.16 -25.41
C ILE B 152 8.26 -5.18 -23.98
N LYS B 153 9.03 -5.74 -23.05
CA LYS B 153 8.62 -5.77 -21.65
C LYS B 153 8.47 -4.36 -21.10
N ALA B 154 9.47 -3.50 -21.38
CA ALA B 154 9.38 -2.11 -20.95
C ALA B 154 8.16 -1.42 -21.56
N GLN B 155 7.89 -1.69 -22.83
CA GLN B 155 6.75 -1.08 -23.51
C GLN B 155 5.44 -1.48 -22.84
N LYS B 156 5.28 -2.78 -22.55
CA LYS B 156 4.04 -3.23 -21.92
C LYS B 156 3.91 -2.72 -20.50
N TRP B 157 5.02 -2.70 -19.75
CA TRP B 157 4.98 -2.15 -18.40
C TRP B 157 4.58 -0.68 -18.42
N GLU B 158 5.07 0.08 -19.40
CA GLU B 158 4.71 1.49 -19.46
C GLU B 158 3.25 1.68 -19.86
N GLU B 159 2.74 0.83 -20.76
CA GLU B 159 1.33 0.92 -21.11
C GLU B 159 0.43 0.60 -19.92
N VAL B 160 0.77 -0.45 -19.17
CA VAL B 160 -0.01 -0.78 -17.97
C VAL B 160 0.11 0.31 -16.93
N ALA B 161 1.30 0.91 -16.79
CA ALA B 161 1.47 2.02 -15.87
C ALA B 161 0.61 3.21 -16.28
N THR B 162 0.48 3.44 -17.59
CA THR B 162 -0.39 4.50 -18.07
C THR B 162 -1.85 4.22 -17.71
N ARG B 163 -2.28 2.97 -17.84
CA ARG B 163 -3.62 2.60 -17.40
C ARG B 163 -3.80 2.91 -15.91
N PHE B 164 -2.83 2.51 -15.09
CA PHE B 164 -2.94 2.75 -13.64
C PHE B 164 -2.93 4.25 -13.33
N ARG B 165 -2.14 5.03 -14.07
CA ARG B 165 -2.05 6.45 -13.81
C ARG B 165 -3.36 7.14 -14.15
N LYS B 166 -3.93 6.80 -15.30
CA LYS B 166 -5.23 7.34 -15.69
C LYS B 166 -6.30 6.93 -14.69
N THR B 167 -6.26 5.69 -14.21
CA THR B 167 -7.24 5.25 -13.21
C THR B 167 -7.12 6.07 -11.93
N TYR B 168 -5.89 6.30 -11.46
CA TYR B 168 -5.70 7.12 -10.27
C TYR B 168 -6.21 8.54 -10.49
N GLU B 169 -5.91 9.12 -11.65
CA GLU B 169 -6.40 10.46 -11.94
C GLU B 169 -7.93 10.51 -11.91
N ALA B 170 -8.57 9.53 -12.53
CA ALA B 170 -10.03 9.51 -12.60
C ALA B 170 -10.65 9.30 -11.23
N VAL B 171 -10.02 8.48 -10.40
CA VAL B 171 -10.60 8.17 -9.10
C VAL B 171 -10.39 9.32 -8.12
N GLU B 172 -9.16 9.83 -8.03
CA GLU B 172 -8.83 10.78 -6.96
C GLU B 172 -8.97 12.23 -7.37
N HIS B 173 -8.86 12.56 -8.66
CA HIS B 173 -8.86 13.96 -9.10
C HIS B 173 -9.98 14.30 -10.07
N GLY B 174 -10.90 13.37 -10.33
CA GLY B 174 -12.06 13.63 -11.18
C GLY B 174 -11.78 13.75 -12.66
N LYS B 175 -10.63 13.26 -13.13
CA LYS B 175 -10.31 13.30 -14.55
C LYS B 175 -11.16 12.27 -15.29
N VAL B 176 -11.54 12.57 -16.53
CA VAL B 176 -12.45 11.72 -17.31
C VAL B 176 -11.72 11.08 -18.49
N TYR B 177 -11.87 9.76 -18.63
CA TYR B 177 -11.35 9.00 -19.76
C TYR B 177 -12.40 8.04 -20.27
N PRO B 178 -12.28 7.57 -21.51
CA PRO B 178 -12.95 6.33 -21.89
C PRO B 178 -12.56 5.22 -20.93
N PHE B 179 -13.57 4.49 -20.42
CA PHE B 179 -13.33 3.53 -19.36
C PHE B 179 -12.38 2.41 -19.80
N ASP B 180 -12.38 2.07 -21.09
CA ASP B 180 -11.53 1.00 -21.58
C ASP B 180 -10.05 1.34 -21.52
N GLU B 181 -9.70 2.63 -21.35
CA GLU B 181 -8.31 3.03 -21.17
C GLU B 181 -7.82 2.86 -19.74
N LEU B 182 -8.69 2.54 -18.80
CA LEU B 182 -8.30 2.36 -17.40
C LEU B 182 -8.11 0.89 -17.07
N ILE B 183 -7.92 0.60 -15.78
CA ILE B 183 -7.76 -0.75 -15.27
C ILE B 183 -8.37 -0.81 -13.87
N SER B 184 -8.78 -2.00 -13.46
CA SER B 184 -9.38 -2.20 -12.15
C SER B 184 -8.97 -3.55 -11.59
N ILE B 185 -8.95 -3.64 -10.26
CA ILE B 185 -8.68 -4.89 -9.55
C ILE B 185 -9.94 -5.26 -8.77
N ASN B 186 -10.46 -6.45 -9.03
CA ASN B 186 -11.72 -6.91 -8.42
C ASN B 186 -11.40 -7.55 -7.08
N SER B 187 -11.69 -6.84 -5.99
CA SER B 187 -11.27 -7.29 -4.67
C SER B 187 -12.02 -8.54 -4.22
N GLU B 188 -13.30 -8.67 -4.59
CA GLU B 188 -14.09 -9.79 -4.06
C GLU B 188 -13.63 -11.14 -4.59
N THR B 189 -12.92 -11.19 -5.72
CA THR B 189 -12.45 -12.44 -6.29
C THR B 189 -10.96 -12.67 -6.06
N ILE B 190 -10.34 -11.86 -5.21
CA ILE B 190 -8.92 -11.97 -4.88
C ILE B 190 -8.80 -12.01 -3.37
N HIS B 191 -8.00 -12.95 -2.85
CA HIS B 191 -7.86 -13.05 -1.41
C HIS B 191 -7.14 -11.80 -0.88
N PRO B 192 -7.54 -11.30 0.30
CA PRO B 192 -6.91 -10.08 0.82
C PRO B 192 -5.40 -10.18 0.95
N ASP B 193 -4.87 -11.32 1.42
CA ASP B 193 -3.43 -11.51 1.43
C ASP B 193 -2.85 -11.39 0.03
N LYS B 194 -3.48 -12.06 -0.94
CA LYS B 194 -3.02 -11.99 -2.32
C LYS B 194 -3.23 -10.61 -2.91
N LEU B 195 -4.28 -9.90 -2.49
CA LEU B 195 -4.49 -8.53 -2.96
C LEU B 195 -3.35 -7.62 -2.51
N ASN B 196 -2.99 -7.72 -1.23
CA ASN B 196 -1.89 -6.92 -0.70
C ASN B 196 -0.58 -7.28 -1.41
N GLN B 197 -0.33 -8.58 -1.60
CA GLN B 197 0.87 -9.01 -2.31
C GLN B 197 0.89 -8.49 -3.74
N LEU B 198 -0.26 -8.52 -4.42
CA LEU B 198 -0.36 -8.01 -5.79
C LEU B 198 -0.02 -6.53 -5.85
N CYS B 199 -0.59 -5.74 -4.93
CA CYS B 199 -0.31 -4.31 -4.90
C CYS B 199 1.17 -4.05 -4.63
N ILE B 200 1.76 -4.78 -3.69
CA ILE B 200 3.17 -4.57 -3.38
C ILE B 200 4.05 -4.96 -4.56
N GLU B 201 3.74 -6.08 -5.21
CA GLU B 201 4.59 -6.58 -6.28
C GLU B 201 4.53 -5.69 -7.51
N LEU B 202 3.33 -5.24 -7.90
CA LEU B 202 3.22 -4.42 -9.09
C LEU B 202 4.03 -3.14 -8.98
N SER B 203 4.17 -2.60 -7.77
CA SER B 203 4.92 -1.37 -7.56
C SER B 203 6.38 -1.59 -7.19
N SER B 204 6.84 -2.84 -7.18
CA SER B 204 8.21 -3.15 -6.76
C SER B 204 9.27 -2.79 -7.81
N PRO B 205 9.13 -3.23 -9.07
CA PRO B 205 10.18 -2.92 -10.04
C PRO B 205 10.25 -1.42 -10.32
N ARG B 206 11.47 -0.90 -10.34
CA ARG B 206 11.73 0.51 -10.52
C ARG B 206 12.14 0.81 -11.95
N LYS B 207 12.08 2.09 -12.31
CA LYS B 207 12.57 2.53 -13.60
C LYS B 207 14.09 2.36 -13.62
N ASP B 208 14.61 1.93 -14.77
CA ASP B 208 16.03 1.67 -14.91
C ASP B 208 16.43 1.98 -16.34
N LEU B 209 17.71 1.78 -16.64
CA LEU B 209 18.29 2.12 -17.93
C LEU B 209 19.06 0.93 -18.45
N ASP B 210 18.95 0.67 -19.75
CA ASP B 210 19.82 -0.31 -20.39
C ASP B 210 21.09 0.37 -20.87
N MET B 211 21.99 -0.43 -21.44
CA MET B 211 23.31 0.06 -21.81
C MET B 211 23.30 0.94 -23.06
N ASN B 212 22.13 1.14 -23.67
CA ASN B 212 21.95 2.12 -24.73
C ASN B 212 21.27 3.39 -24.26
N GLY B 213 20.99 3.52 -22.97
CA GLY B 213 20.26 4.67 -22.48
C GLY B 213 18.75 4.59 -22.62
N ARG B 214 18.21 3.39 -22.89
CA ARG B 214 16.78 3.21 -23.08
C ARG B 214 16.11 2.80 -21.77
N PHE B 215 14.84 3.19 -21.64
CA PHE B 215 14.07 2.82 -20.46
C PHE B 215 13.95 1.31 -20.35
N LYS B 216 14.18 0.80 -19.14
CA LYS B 216 14.14 -0.62 -18.87
C LYS B 216 13.46 -0.85 -17.53
N VAL B 217 12.74 -1.95 -17.41
CA VAL B 217 12.21 -2.35 -16.11
C VAL B 217 13.34 -2.96 -15.31
N GLU B 218 13.46 -2.55 -14.05
CA GLU B 218 14.51 -3.08 -13.18
C GLU B 218 14.49 -4.60 -13.18
N SER B 219 15.66 -5.20 -13.45
CA SER B 219 15.74 -6.63 -13.63
C SER B 219 15.44 -7.37 -12.33
N LYS B 220 14.94 -8.59 -12.46
CA LYS B 220 14.70 -9.44 -11.30
C LYS B 220 15.98 -9.67 -10.52
N LYS B 221 17.09 -9.93 -11.22
CA LYS B 221 18.37 -10.15 -10.56
C LYS B 221 18.80 -8.92 -9.77
N ASP B 222 18.61 -7.73 -10.33
CA ASP B 222 18.98 -6.51 -9.62
C ASP B 222 18.10 -6.28 -8.40
N MET B 223 16.80 -6.58 -8.50
CA MET B 223 15.94 -6.52 -7.32
C MET B 223 16.45 -7.45 -6.23
N ARG B 224 16.88 -8.65 -6.60
CA ARG B 224 17.34 -9.61 -5.61
C ARG B 224 18.67 -9.21 -4.98
N GLU B 225 19.63 -8.79 -5.81
CA GLU B 225 20.99 -8.57 -5.33
C GLU B 225 21.21 -7.17 -4.78
N LYS B 226 20.78 -6.16 -5.53
CA LYS B 226 21.01 -4.78 -5.12
C LYS B 226 20.02 -4.31 -4.04
N ARG B 227 18.81 -4.87 -4.01
CA ARG B 227 17.78 -4.38 -3.09
C ARG B 227 17.17 -5.45 -2.20
N LYS B 228 17.54 -6.72 -2.36
CA LYS B 228 17.07 -7.81 -1.50
C LYS B 228 15.54 -7.95 -1.52
N ILE B 229 14.94 -7.84 -2.70
CA ILE B 229 13.49 -7.93 -2.85
C ILE B 229 13.16 -9.19 -3.63
N LYS B 230 12.13 -9.91 -3.18
CA LYS B 230 11.71 -11.17 -3.80
C LYS B 230 11.13 -10.95 -5.20
N SER B 231 11.06 -12.05 -5.95
CA SER B 231 10.56 -12.05 -7.32
C SER B 231 9.09 -11.66 -7.39
N PRO B 232 8.72 -10.60 -8.11
CA PRO B 232 7.30 -10.27 -8.30
C PRO B 232 6.69 -11.03 -9.47
N ASN B 233 6.60 -12.36 -9.32
CA ASN B 233 6.10 -13.20 -10.40
C ASN B 233 4.65 -12.86 -10.75
N ILE B 234 3.83 -12.56 -9.74
CA ILE B 234 2.44 -12.22 -9.97
C ILE B 234 2.34 -10.97 -10.85
N ALA B 235 3.20 -9.98 -10.59
CA ALA B 235 3.17 -8.75 -11.39
C ALA B 235 3.49 -9.03 -12.84
N ASP B 236 4.48 -9.90 -13.10
CA ASP B 236 4.79 -10.28 -14.47
C ASP B 236 3.61 -10.98 -15.13
N SER B 237 2.96 -11.88 -14.40
CA SER B 237 1.77 -12.54 -14.93
C SER B 237 0.67 -11.54 -15.23
N VAL B 238 0.54 -10.50 -14.40
CA VAL B 238 -0.44 -9.44 -14.64
C VAL B 238 -0.12 -8.73 -15.95
N ILE B 239 1.13 -8.34 -16.12
CA ILE B 239 1.54 -7.62 -17.34
C ILE B 239 1.21 -8.46 -18.57
N MET B 240 1.51 -9.77 -18.51
CA MET B 240 1.18 -10.61 -19.65
C MET B 240 -0.31 -10.80 -19.83
N SER B 241 -1.08 -10.78 -18.74
CA SER B 241 -2.54 -10.87 -18.86
C SER B 241 -3.13 -9.61 -19.47
N ALA B 242 -2.43 -8.48 -19.40
CA ALA B 242 -2.93 -7.25 -20.00
C ALA B 242 -2.64 -7.15 -21.49
N ILE B 243 -1.80 -8.04 -22.03
CA ILE B 243 -1.39 -7.94 -23.42
C ILE B 243 -2.53 -8.40 -24.32
N LEU B 244 -2.83 -7.58 -25.33
CA LEU B 244 -3.92 -7.91 -26.28
C LEU B 244 -3.28 -8.61 -27.48
N PRO B 245 -3.81 -9.77 -27.92
CA PRO B 245 -3.27 -10.51 -29.06
C PRO B 245 -3.38 -9.75 -30.39
N ILE B 246 -2.25 -9.27 -30.94
CA ILE B 246 -2.22 -8.47 -32.18
C ILE B 246 -2.71 -9.29 -33.37
#